data_1Q33
#
_entry.id   1Q33
#
_cell.length_a   79.837
_cell.length_b   87.497
_cell.length_c   119.814
_cell.angle_alpha   90.00
_cell.angle_beta   90.00
_cell.angle_gamma   90.00
#
_symmetry.space_group_name_H-M   'I 2 2 2'
#
loop_
_entity.id
_entity.type
_entity.pdbx_description
1 polymer 'ADP-ribose pyrophosphatase'
2 non-polymer beta-D-glucopyranose
3 non-polymer 'SULFATE ION'
4 water water
#
_entity_poly.entity_id   1
_entity_poly.type   'polypeptide(L)'
_entity_poly.pdbx_seq_one_letter_code
;ENSHNKARTSPYPGSKVERSQVPNEKVGWLVEWQDYKPVEYTAVSVLAGPRWADPQISESNFSPKFNEKDGHVERKSKNG
LYEIENGRPRNPAGRTGLVGRGLLGRWGPNHAADPIITRWKRDSSGNKI(MSE)HPVSGKHILQFVAIKRKDCGEWAIPG
G(MSE)VDPGEKISATLKREFGEEALNSLQKTSAEKREIEEKLHKLFSQDHLVIYKGYVDDPRNTDNAW(MSE)ETEAVN
YHDETGEI(MSE)DNL(MSE)LEAGDDAGKVKWVDINDKLKLYASHSQFIKLVAEKRDAHWSEDSEADCHAL
;
_entity_poly.pdbx_strand_id   A
#
loop_
_chem_comp.id
_chem_comp.type
_chem_comp.name
_chem_comp.formula
BGC D-saccharide, beta linking beta-D-glucopyranose 'C6 H12 O6'
SO4 non-polymer 'SULFATE ION' 'O4 S -2'
#
# COMPACT_ATOMS: atom_id res chain seq x y z
N GLU A 1 -16.62 1.28 -14.91
CA GLU A 1 -15.31 1.98 -15.05
C GLU A 1 -14.15 1.20 -14.42
N ASN A 2 -13.78 0.11 -15.05
CA ASN A 2 -12.68 -0.71 -14.57
C ASN A 2 -12.89 -1.33 -13.19
N SER A 3 -13.14 -2.63 -13.22
CA SER A 3 -13.35 -3.43 -12.02
C SER A 3 -11.99 -3.80 -11.48
N HIS A 4 -11.93 -4.29 -10.25
CA HIS A 4 -10.65 -4.70 -9.72
C HIS A 4 -10.22 -5.89 -10.59
N ASN A 5 -8.93 -5.98 -10.89
CA ASN A 5 -8.45 -7.07 -11.75
C ASN A 5 -7.48 -8.00 -11.04
N LYS A 6 -6.58 -7.44 -10.24
CA LYS A 6 -5.62 -8.29 -9.52
C LYS A 6 -6.36 -9.16 -8.53
N ALA A 7 -7.42 -8.63 -7.95
CA ALA A 7 -8.23 -9.36 -6.98
C ALA A 7 -8.98 -10.53 -7.62
N ARG A 8 -8.88 -10.68 -8.93
CA ARG A 8 -9.55 -11.78 -9.63
C ARG A 8 -8.58 -12.68 -10.41
N THR A 9 -7.30 -12.67 -10.04
CA THR A 9 -6.33 -13.50 -10.74
C THR A 9 -6.16 -14.84 -10.01
N SER A 10 -5.74 -15.85 -10.75
CA SER A 10 -5.52 -17.18 -10.19
C SER A 10 -4.13 -17.66 -10.59
N PRO A 11 -3.53 -18.53 -9.78
CA PRO A 11 -4.14 -19.03 -8.54
C PRO A 11 -3.98 -18.02 -7.41
N TYR A 12 -4.69 -18.24 -6.32
CA TYR A 12 -4.61 -17.35 -5.16
C TYR A 12 -3.15 -17.41 -4.63
N PRO A 13 -2.58 -16.26 -4.23
CA PRO A 13 -1.20 -16.21 -3.72
C PRO A 13 -0.86 -17.32 -2.73
N GLY A 14 0.32 -17.92 -2.91
CA GLY A 14 0.77 -18.98 -2.02
C GLY A 14 0.01 -20.28 -2.08
N SER A 15 -0.84 -20.45 -3.09
CA SER A 15 -1.65 -21.66 -3.23
C SER A 15 -1.82 -22.01 -4.70
N LYS A 16 -2.53 -23.12 -4.94
CA LYS A 16 -2.82 -23.55 -6.29
C LYS A 16 -4.34 -23.42 -6.47
N VAL A 17 -4.98 -22.72 -5.53
CA VAL A 17 -6.42 -22.51 -5.56
C VAL A 17 -6.83 -21.59 -6.70
N GLU A 18 -7.83 -22.03 -7.46
CA GLU A 18 -8.35 -21.29 -8.60
C GLU A 18 -9.66 -20.60 -8.21
N ARG A 19 -9.78 -19.30 -8.49
CA ARG A 19 -11.00 -18.56 -8.17
C ARG A 19 -12.07 -18.90 -9.20
N SER A 20 -13.33 -18.78 -8.79
CA SER A 20 -14.41 -19.00 -9.75
C SER A 20 -14.38 -17.77 -10.67
N GLN A 21 -14.73 -17.97 -11.94
CA GLN A 21 -14.71 -16.87 -12.91
C GLN A 21 -15.81 -15.85 -12.66
N VAL A 22 -15.44 -14.57 -12.70
CA VAL A 22 -16.41 -13.50 -12.52
C VAL A 22 -16.38 -12.59 -13.75
N PRO A 23 -17.42 -12.65 -14.57
CA PRO A 23 -17.49 -11.79 -15.77
C PRO A 23 -17.49 -10.36 -15.28
N ASN A 24 -16.82 -9.46 -16.01
CA ASN A 24 -16.78 -8.06 -15.59
C ASN A 24 -18.15 -7.44 -15.31
N GLU A 25 -19.17 -7.80 -16.09
N GLU A 25 -19.14 -7.86 -16.10
CA GLU A 25 -20.49 -7.20 -15.85
CA GLU A 25 -20.51 -7.38 -16.00
C GLU A 25 -21.11 -7.67 -14.55
C GLU A 25 -21.23 -7.86 -14.72
N LYS A 26 -20.59 -8.76 -13.99
CA LYS A 26 -21.13 -9.28 -12.76
C LYS A 26 -20.25 -9.00 -11.53
N VAL A 27 -19.29 -8.09 -11.66
CA VAL A 27 -18.43 -7.76 -10.52
C VAL A 27 -19.22 -7.04 -9.43
N GLY A 28 -20.03 -6.06 -9.83
CA GLY A 28 -20.77 -5.31 -8.83
C GLY A 28 -21.78 -6.12 -8.03
N TRP A 29 -21.78 -6.00 -6.70
CA TRP A 29 -22.74 -6.77 -5.91
C TRP A 29 -24.20 -6.46 -6.24
N LEU A 30 -24.44 -5.25 -6.74
CA LEU A 30 -25.81 -4.86 -7.10
C LEU A 30 -26.36 -5.75 -8.20
N VAL A 31 -25.49 -6.27 -9.04
CA VAL A 31 -25.92 -7.15 -10.13
C VAL A 31 -26.37 -8.50 -9.59
N GLU A 32 -27.58 -8.91 -9.98
CA GLU A 32 -28.12 -10.19 -9.52
C GLU A 32 -27.39 -11.36 -10.17
N TRP A 33 -26.96 -12.30 -9.35
CA TRP A 33 -26.27 -13.48 -9.84
C TRP A 33 -26.54 -14.59 -8.84
N GLN A 34 -27.73 -15.17 -8.98
CA GLN A 34 -28.16 -16.22 -8.09
C GLN A 34 -27.22 -17.42 -8.12
N ASP A 35 -26.67 -17.71 -9.29
CA ASP A 35 -25.80 -18.88 -9.42
C ASP A 35 -24.36 -18.66 -9.01
N TYR A 36 -24.03 -17.48 -8.52
CA TYR A 36 -22.63 -17.21 -8.14
C TYR A 36 -22.17 -18.23 -7.11
N LYS A 37 -21.09 -18.94 -7.43
CA LYS A 37 -20.58 -19.96 -6.52
C LYS A 37 -19.08 -19.82 -6.35
N PRO A 38 -18.65 -18.87 -5.53
CA PRO A 38 -17.21 -18.65 -5.33
C PRO A 38 -16.59 -19.83 -4.58
N VAL A 39 -15.30 -20.05 -4.82
CA VAL A 39 -14.60 -21.13 -4.13
C VAL A 39 -14.29 -20.64 -2.74
N GLU A 40 -14.29 -21.53 -1.75
N GLU A 40 -14.28 -21.54 -1.77
CA GLU A 40 -14.00 -21.13 -0.38
CA GLU A 40 -13.98 -21.17 -0.39
C GLU A 40 -12.56 -21.49 -0.01
C GLU A 40 -12.52 -21.47 -0.10
N TYR A 41 -11.82 -20.51 0.48
CA TYR A 41 -10.42 -20.71 0.82
C TYR A 41 -9.87 -19.77 1.86
N THR A 42 -9.29 -20.29 2.92
CA THR A 42 -8.63 -19.50 3.91
C THR A 42 -7.32 -20.28 4.15
N ALA A 43 -6.20 -19.56 4.09
CA ALA A 43 -4.91 -20.18 4.25
C ALA A 43 -4.74 -20.88 5.61
N VAL A 44 -4.00 -21.98 5.60
CA VAL A 44 -3.76 -22.72 6.82
C VAL A 44 -3.17 -21.82 7.88
N SER A 45 -2.24 -20.95 7.48
CA SER A 45 -1.60 -20.04 8.44
C SER A 45 -2.61 -19.13 9.15
N VAL A 46 -3.67 -18.77 8.44
CA VAL A 46 -4.69 -17.92 9.03
C VAL A 46 -5.67 -18.74 9.90
N LEU A 47 -6.00 -19.93 9.43
CA LEU A 47 -6.93 -20.82 10.15
C LEU A 47 -6.30 -21.33 11.45
N ALA A 48 -4.97 -21.29 11.51
CA ALA A 48 -4.23 -21.74 12.69
C ALA A 48 -4.49 -20.80 13.86
N GLY A 49 -5.02 -19.61 13.57
CA GLY A 49 -5.33 -18.67 14.62
C GLY A 49 -4.21 -17.87 15.25
N PRO A 50 -3.24 -17.37 14.47
CA PRO A 50 -2.15 -16.60 15.10
C PRO A 50 -2.73 -15.28 15.62
N ARG A 51 -1.96 -14.57 16.44
CA ARG A 51 -2.40 -13.31 17.02
C ARG A 51 -2.89 -12.23 16.06
N TRP A 52 -2.37 -12.22 14.84
CA TRP A 52 -2.75 -11.21 13.86
C TRP A 52 -4.00 -11.56 13.04
N ALA A 53 -4.59 -12.72 13.33
CA ALA A 53 -5.76 -13.17 12.59
C ALA A 53 -6.98 -13.28 13.48
N ASP A 54 -8.14 -13.04 12.88
CA ASP A 54 -9.41 -13.17 13.60
C ASP A 54 -9.76 -14.65 13.61
N PRO A 55 -10.76 -15.03 14.42
CA PRO A 55 -11.23 -16.42 14.48
C PRO A 55 -12.15 -16.56 13.24
N GLN A 56 -12.63 -17.77 12.95
CA GLN A 56 -13.58 -17.97 11.85
C GLN A 56 -14.89 -17.35 12.36
N ILE A 57 -15.78 -16.96 11.46
CA ILE A 57 -17.04 -16.35 11.88
C ILE A 57 -17.89 -17.23 12.81
N SER A 58 -17.86 -18.54 12.59
CA SER A 58 -18.64 -19.46 13.42
C SER A 58 -18.16 -19.55 14.87
N GLU A 59 -16.88 -19.23 15.09
CA GLU A 59 -16.29 -19.26 16.43
C GLU A 59 -17.33 -18.71 17.41
N SER A 60 -17.77 -19.54 18.34
CA SER A 60 -18.79 -19.15 19.31
C SER A 60 -18.61 -17.80 20.00
N ASN A 61 -17.45 -17.59 20.61
CA ASN A 61 -17.21 -16.35 21.33
C ASN A 61 -16.79 -15.14 20.48
N PHE A 62 -16.73 -15.30 19.16
CA PHE A 62 -16.32 -14.21 18.28
C PHE A 62 -17.48 -13.35 17.80
N SER A 63 -17.50 -12.10 18.26
CA SER A 63 -18.55 -11.15 17.91
C SER A 63 -17.94 -9.86 17.36
N PRO A 64 -17.46 -9.91 16.11
CA PRO A 64 -16.85 -8.73 15.51
C PRO A 64 -17.77 -7.52 15.37
N LYS A 65 -17.22 -6.33 15.58
CA LYS A 65 -17.99 -5.11 15.42
C LYS A 65 -17.52 -4.51 14.08
N PHE A 66 -18.09 -4.95 12.96
CA PHE A 66 -17.67 -4.42 11.66
C PHE A 66 -17.98 -2.93 11.48
N ASN A 67 -17.25 -2.28 10.59
CA ASN A 67 -17.42 -0.87 10.29
C ASN A 67 -17.20 0.01 11.50
N GLU A 68 -16.38 -0.46 12.43
CA GLU A 68 -16.10 0.27 13.66
C GLU A 68 -14.73 -0.07 14.20
N LYS A 69 -14.29 0.78 15.15
CA LYS A 69 -13.07 0.48 15.87
C LYS A 69 -13.50 -0.64 16.81
N ASP A 70 -12.92 -1.83 16.66
CA ASP A 70 -13.34 -2.98 17.47
C ASP A 70 -12.16 -3.35 18.37
N GLY A 71 -12.03 -2.61 19.47
CA GLY A 71 -10.93 -2.86 20.38
C GLY A 71 -9.61 -2.48 19.75
N HIS A 72 -8.69 -3.42 19.67
CA HIS A 72 -7.38 -3.16 19.07
C HIS A 72 -7.41 -3.43 17.57
N VAL A 73 -8.59 -3.70 17.04
CA VAL A 73 -8.72 -3.98 15.62
C VAL A 73 -9.56 -2.91 14.94
N GLU A 74 -8.95 -2.23 13.97
CA GLU A 74 -9.64 -1.18 13.24
C GLU A 74 -10.43 -1.85 12.12
N ARG A 75 -11.76 -1.89 12.26
CA ARG A 75 -12.57 -2.52 11.22
C ARG A 75 -13.26 -1.52 10.30
N LYS A 76 -12.98 -0.23 10.48
CA LYS A 76 -13.59 0.76 9.59
C LYS A 76 -12.81 0.76 8.28
N SER A 77 -13.54 0.83 7.18
CA SER A 77 -12.92 0.92 5.86
C SER A 77 -12.71 2.40 5.58
N LYS A 78 -11.63 2.73 4.89
CA LYS A 78 -11.37 4.12 4.55
C LYS A 78 -12.19 4.59 3.33
N ASN A 79 -13.02 3.69 2.79
CA ASN A 79 -13.88 4.05 1.66
C ASN A 79 -15.35 4.10 2.09
N GLY A 80 -15.59 4.13 3.40
CA GLY A 80 -16.95 4.18 3.87
C GLY A 80 -17.45 2.81 4.29
N LEU A 81 -18.75 2.71 4.54
CA LEU A 81 -19.33 1.46 4.97
C LEU A 81 -19.25 0.34 3.97
N TYR A 82 -19.08 -0.88 4.48
CA TYR A 82 -19.13 -2.06 3.63
C TYR A 82 -20.26 -2.91 4.19
N GLU A 83 -20.97 -3.56 3.28
CA GLU A 83 -22.10 -4.40 3.62
C GLU A 83 -21.71 -5.67 4.36
N ILE A 84 -22.60 -6.13 5.21
CA ILE A 84 -22.40 -7.38 5.93
C ILE A 84 -23.50 -8.28 5.38
N GLU A 85 -23.11 -9.42 4.83
CA GLU A 85 -24.08 -10.35 4.25
C GLU A 85 -23.67 -11.74 4.71
N ASN A 86 -24.65 -12.53 5.14
CA ASN A 86 -24.32 -13.86 5.64
C ASN A 86 -23.32 -13.76 6.80
N GLY A 87 -23.48 -12.74 7.62
CA GLY A 87 -22.63 -12.54 8.78
C GLY A 87 -21.20 -12.12 8.53
N ARG A 88 -20.88 -11.81 7.28
CA ARG A 88 -19.51 -11.39 6.99
C ARG A 88 -19.45 -10.25 6.00
N PRO A 89 -18.30 -9.59 5.92
CA PRO A 89 -18.12 -8.46 5.00
C PRO A 89 -18.23 -8.82 3.53
N ARG A 90 -18.61 -7.84 2.73
CA ARG A 90 -18.65 -7.98 1.28
C ARG A 90 -17.65 -6.94 0.78
N ASN A 91 -16.71 -7.40 -0.03
CA ASN A 91 -15.67 -6.57 -0.64
C ASN A 91 -16.37 -5.37 -1.29
N PRO A 92 -16.00 -4.13 -0.92
CA PRO A 92 -16.64 -2.95 -1.50
C PRO A 92 -16.45 -2.76 -3.01
N ALA A 93 -15.40 -3.37 -3.56
CA ALA A 93 -15.13 -3.27 -4.99
C ALA A 93 -15.86 -4.34 -5.79
N GLY A 94 -16.52 -5.29 -5.11
CA GLY A 94 -17.26 -6.33 -5.80
C GLY A 94 -16.80 -7.78 -5.63
N ARG A 95 -17.40 -8.68 -6.43
CA ARG A 95 -17.11 -10.11 -6.40
C ARG A 95 -15.70 -10.40 -6.88
N THR A 96 -15.08 -11.41 -6.27
CA THR A 96 -13.72 -11.82 -6.62
C THR A 96 -13.64 -13.29 -6.99
N GLY A 97 -14.73 -14.04 -6.73
CA GLY A 97 -14.76 -15.46 -7.03
C GLY A 97 -14.20 -16.35 -5.94
N LEU A 98 -13.98 -15.80 -4.76
CA LEU A 98 -13.44 -16.59 -3.67
C LEU A 98 -13.96 -16.04 -2.35
N VAL A 99 -14.47 -16.91 -1.49
CA VAL A 99 -14.95 -16.48 -0.19
C VAL A 99 -13.98 -17.04 0.83
N GLY A 100 -13.98 -16.46 2.02
CA GLY A 100 -13.04 -16.84 3.05
C GLY A 100 -12.06 -15.68 3.16
N ARG A 101 -10.93 -15.87 3.82
CA ARG A 101 -9.97 -14.79 3.98
C ARG A 101 -8.66 -14.94 3.20
N GLY A 102 -8.46 -16.10 2.60
CA GLY A 102 -7.22 -16.33 1.88
C GLY A 102 -6.09 -16.17 2.89
N LEU A 103 -5.10 -15.34 2.54
CA LEU A 103 -3.94 -15.09 3.41
C LEU A 103 -4.12 -13.93 4.37
N LEU A 104 -5.26 -13.26 4.30
CA LEU A 104 -5.52 -12.10 5.16
C LEU A 104 -6.04 -12.46 6.54
N GLY A 105 -5.44 -11.87 7.57
CA GLY A 105 -5.85 -12.21 8.91
C GLY A 105 -7.21 -11.78 9.39
N ARG A 106 -7.64 -10.62 8.91
CA ARG A 106 -8.89 -10.04 9.36
C ARG A 106 -10.00 -10.15 8.32
N TRP A 107 -11.20 -10.36 8.86
CA TRP A 107 -12.36 -10.28 8.01
C TRP A 107 -12.49 -8.84 7.65
N GLY A 108 -12.91 -8.48 6.45
CA GLY A 108 -13.04 -7.07 6.18
C GLY A 108 -11.72 -6.43 5.76
N PRO A 109 -11.54 -5.14 6.08
CA PRO A 109 -10.32 -4.41 5.71
C PRO A 109 -9.12 -4.84 6.53
N ASN A 110 -8.02 -5.01 5.84
CA ASN A 110 -6.72 -5.36 6.36
C ASN A 110 -5.88 -4.15 6.06
N HIS A 111 -5.60 -3.32 7.05
CA HIS A 111 -4.89 -2.06 6.84
C HIS A 111 -3.36 -2.07 6.75
N ALA A 112 -2.87 -1.29 5.81
CA ALA A 112 -1.44 -1.11 5.57
C ALA A 112 -1.19 0.40 5.50
N ALA A 113 0.07 0.80 5.55
CA ALA A 113 0.42 2.22 5.46
C ALA A 113 1.62 2.28 4.52
N ASP A 114 1.67 3.32 3.68
CA ASP A 114 2.73 3.49 2.70
C ASP A 114 3.31 4.91 2.84
N PRO A 115 4.47 5.02 3.51
CA PRO A 115 5.11 6.32 3.71
C PRO A 115 5.96 6.68 2.48
N ILE A 116 5.59 7.78 1.83
CA ILE A 116 6.29 8.22 0.63
C ILE A 116 7.14 9.41 1.07
N ILE A 117 8.43 9.18 1.28
CA ILE A 117 9.34 10.24 1.73
C ILE A 117 10.04 10.79 0.48
N THR A 118 9.88 12.09 0.25
CA THR A 118 10.44 12.72 -0.93
C THR A 118 11.36 13.87 -0.61
N ARG A 119 12.20 14.19 -1.59
CA ARG A 119 13.12 15.32 -1.50
C ARG A 119 13.42 15.68 -2.94
N TRP A 120 13.90 16.91 -3.15
CA TRP A 120 14.27 17.32 -4.50
C TRP A 120 15.62 16.73 -4.83
N LYS A 121 15.79 16.28 -6.07
CA LYS A 121 17.09 15.73 -6.47
C LYS A 121 18.04 16.94 -6.52
N ARG A 122 19.28 16.77 -6.07
CA ARG A 122 20.21 17.91 -6.08
C ARG A 122 21.57 17.54 -6.68
N ASP A 123 22.25 18.54 -7.23
CA ASP A 123 23.56 18.31 -7.85
C ASP A 123 24.67 18.41 -6.82
N SER A 124 25.92 18.29 -7.27
CA SER A 124 27.06 18.35 -6.35
C SER A 124 27.11 19.65 -5.55
N SER A 125 26.43 20.70 -6.02
CA SER A 125 26.43 21.96 -5.30
C SER A 125 25.22 22.16 -4.39
N GLY A 126 24.32 21.17 -4.35
CA GLY A 126 23.15 21.27 -3.50
C GLY A 126 21.97 21.98 -4.13
N ASN A 127 22.03 22.23 -5.44
CA ASN A 127 20.94 22.92 -6.13
C ASN A 127 19.97 21.94 -6.76
N LYS A 128 18.72 22.36 -6.95
CA LYS A 128 17.73 21.47 -7.58
C LYS A 128 18.09 21.32 -9.05
N ILE A 129 17.55 20.27 -9.67
CA ILE A 129 17.82 19.98 -11.06
C ILE A 129 16.53 20.10 -11.85
N MSE A 130 16.53 20.98 -12.84
CA MSE A 130 15.36 21.20 -13.67
C MSE A 130 15.38 20.30 -14.89
O MSE A 130 16.42 20.13 -15.52
CB MSE A 130 15.32 22.67 -14.11
CG MSE A 130 14.03 23.11 -14.76
SE MSE A 130 14.14 24.96 -15.32
CE MSE A 130 14.47 24.64 -17.20
N HIS A 131 14.24 19.71 -15.22
CA HIS A 131 14.19 18.86 -16.39
C HIS A 131 13.80 19.74 -17.58
N PRO A 132 14.50 19.59 -18.72
CA PRO A 132 14.23 20.38 -19.92
C PRO A 132 12.86 20.22 -20.59
N VAL A 133 12.28 19.02 -20.53
CA VAL A 133 10.98 18.82 -21.17
C VAL A 133 9.83 19.51 -20.42
N SER A 134 9.81 19.36 -19.10
CA SER A 134 8.75 19.94 -18.29
C SER A 134 9.08 21.30 -17.70
N GLY A 135 10.36 21.60 -17.56
CA GLY A 135 10.74 22.87 -16.96
C GLY A 135 10.57 22.81 -15.44
N LYS A 136 10.26 21.61 -14.94
CA LYS A 136 10.05 21.42 -13.50
C LYS A 136 11.23 20.65 -12.89
N HIS A 137 11.42 20.82 -11.59
CA HIS A 137 12.49 20.14 -10.87
C HIS A 137 12.18 18.68 -10.66
N ILE A 138 13.23 17.87 -10.64
CA ILE A 138 13.11 16.43 -10.45
C ILE A 138 13.00 16.10 -8.97
N LEU A 139 11.93 15.39 -8.62
CA LEU A 139 11.69 14.97 -7.26
C LEU A 139 12.12 13.50 -7.15
N GLN A 140 12.53 13.07 -5.96
CA GLN A 140 12.91 11.67 -5.73
C GLN A 140 12.14 11.15 -4.50
N PHE A 141 11.99 9.83 -4.38
CA PHE A 141 11.36 9.29 -3.18
C PHE A 141 12.13 8.04 -2.79
N VAL A 142 12.01 7.63 -1.54
CA VAL A 142 12.71 6.44 -1.07
C VAL A 142 11.92 5.21 -1.46
N ALA A 143 12.54 4.35 -2.26
CA ALA A 143 11.92 3.11 -2.71
C ALA A 143 12.74 1.89 -2.28
N ILE A 144 12.09 0.74 -2.16
CA ILE A 144 12.76 -0.50 -1.80
C ILE A 144 12.45 -1.56 -2.83
N LYS A 145 13.36 -2.52 -2.97
CA LYS A 145 13.14 -3.61 -3.91
C LYS A 145 13.12 -4.88 -3.07
N ARG A 146 11.94 -5.47 -2.89
CA ARG A 146 11.83 -6.68 -2.10
C ARG A 146 12.43 -7.87 -2.83
N LYS A 147 12.98 -8.82 -2.08
CA LYS A 147 13.58 -10.00 -2.70
C LYS A 147 12.47 -10.89 -3.28
N ASP A 148 11.31 -10.88 -2.64
CA ASP A 148 10.21 -11.71 -3.12
C ASP A 148 9.49 -11.15 -4.35
N CYS A 149 9.66 -9.85 -4.61
CA CYS A 149 8.99 -9.22 -5.75
C CYS A 149 9.97 -8.79 -6.84
N GLY A 150 11.13 -8.29 -6.42
CA GLY A 150 12.10 -7.84 -7.39
C GLY A 150 11.58 -6.58 -8.06
N GLU A 151 10.54 -5.99 -7.47
CA GLU A 151 9.94 -4.77 -8.02
C GLU A 151 10.16 -3.63 -7.04
N TRP A 152 10.43 -2.43 -7.55
CA TRP A 152 10.63 -1.28 -6.68
C TRP A 152 9.28 -0.85 -6.12
N ALA A 153 9.26 -0.44 -4.86
CA ALA A 153 8.02 -0.05 -4.23
C ALA A 153 8.20 0.91 -3.08
N ILE A 154 7.11 1.57 -2.71
CA ILE A 154 7.06 2.43 -1.56
C ILE A 154 7.26 1.50 -0.39
N PRO A 155 8.10 1.88 0.58
CA PRO A 155 8.39 1.06 1.77
C PRO A 155 7.30 1.00 2.85
N GLY A 156 6.24 0.23 2.58
CA GLY A 156 5.16 0.13 3.56
C GLY A 156 4.88 -1.26 4.10
N GLY A 157 3.90 -1.36 4.98
CA GLY A 157 3.57 -2.64 5.55
C GLY A 157 2.29 -2.60 6.37
N MSE A 158 1.93 -3.74 6.92
CA MSE A 158 0.71 -3.87 7.72
C MSE A 158 0.72 -3.10 9.00
O MSE A 158 1.75 -3.02 9.69
CB MSE A 158 0.48 -5.33 8.11
CG MSE A 158 0.35 -6.30 6.97
SE MSE A 158 -1.19 -5.88 5.93
CE MSE A 158 -2.56 -5.71 7.27
N VAL A 159 -0.43 -2.53 9.34
CA VAL A 159 -0.59 -1.82 10.58
C VAL A 159 -0.60 -2.93 11.64
N ASP A 160 0.01 -2.68 12.79
CA ASP A 160 0.03 -3.68 13.84
C ASP A 160 -1.20 -3.50 14.70
N PRO A 161 -1.70 -4.60 15.30
CA PRO A 161 -2.88 -4.49 16.15
C PRO A 161 -2.74 -3.38 17.19
N GLY A 162 -3.75 -2.52 17.27
CA GLY A 162 -3.72 -1.43 18.23
C GLY A 162 -2.79 -0.28 17.92
N GLU A 163 -2.17 -0.31 16.74
CA GLU A 163 -1.24 0.74 16.33
C GLU A 163 -1.91 1.79 15.46
N LYS A 164 -1.59 3.05 15.70
CA LYS A 164 -2.16 4.14 14.93
C LYS A 164 -1.42 4.24 13.59
N ILE A 165 -2.13 4.69 12.57
CA ILE A 165 -1.55 4.81 11.24
C ILE A 165 -0.28 5.69 11.20
N SER A 166 -0.30 6.82 11.92
CA SER A 166 0.87 7.70 11.95
C SER A 166 2.08 6.92 12.44
N ALA A 167 1.84 6.05 13.42
CA ALA A 167 2.89 5.24 14.00
C ALA A 167 3.40 4.19 13.03
N THR A 168 2.47 3.60 12.26
CA THR A 168 2.84 2.58 11.29
C THR A 168 3.71 3.19 10.20
N LEU A 169 3.32 4.38 9.75
CA LEU A 169 4.06 5.07 8.71
C LEU A 169 5.50 5.31 9.14
N LYS A 170 5.68 5.85 10.34
CA LYS A 170 7.03 6.13 10.85
C LYS A 170 7.82 4.84 11.10
N ARG A 171 7.16 3.86 11.71
CA ARG A 171 7.82 2.59 11.98
C ARG A 171 8.28 1.87 10.73
N GLU A 172 7.37 1.74 9.76
CA GLU A 172 7.70 1.07 8.51
C GLU A 172 8.84 1.74 7.75
N PHE A 173 8.80 3.06 7.68
CA PHE A 173 9.86 3.74 6.97
C PHE A 173 11.21 3.45 7.65
N GLY A 174 11.25 3.66 8.97
CA GLY A 174 12.47 3.42 9.71
C GLY A 174 12.97 1.99 9.60
N GLU A 175 12.07 1.02 9.81
CA GLU A 175 12.50 -0.37 9.75
C GLU A 175 12.94 -0.82 8.36
N GLU A 176 12.16 -0.46 7.35
CA GLU A 176 12.44 -0.87 5.98
C GLU A 176 13.48 -0.07 5.20
N ALA A 177 13.50 1.25 5.38
CA ALA A 177 14.42 2.09 4.63
C ALA A 177 15.66 2.55 5.39
N LEU A 178 15.61 2.51 6.71
CA LEU A 178 16.73 2.93 7.54
C LEU A 178 17.30 1.78 8.36
N ASN A 179 16.71 0.59 8.21
CA ASN A 179 17.15 -0.61 8.93
C ASN A 179 17.24 -0.33 10.43
N SER A 180 16.25 0.36 10.96
CA SER A 180 16.24 0.71 12.38
C SER A 180 16.20 -0.48 13.36
N LEU A 181 15.64 -1.61 12.94
CA LEU A 181 15.59 -2.77 13.84
C LEU A 181 16.98 -3.29 14.17
N GLN A 182 17.94 -2.88 13.36
CA GLN A 182 19.32 -3.30 13.50
C GLN A 182 20.20 -2.13 13.94
N LYS A 183 19.63 -1.25 14.77
CA LYS A 183 20.35 -0.09 15.28
C LYS A 183 20.58 -0.20 16.79
N THR A 184 21.65 0.42 17.25
CA THR A 184 22.05 0.38 18.67
C THR A 184 21.18 1.11 19.69
N SER A 185 19.92 1.40 19.34
CA SER A 185 19.02 2.10 20.25
C SER A 185 19.39 3.58 20.41
N ALA A 186 20.69 3.85 20.42
CA ALA A 186 21.17 5.23 20.53
C ALA A 186 20.91 5.90 19.18
N GLU A 187 21.20 5.18 18.11
CA GLU A 187 20.99 5.70 16.76
C GLU A 187 19.49 5.66 16.47
N LYS A 188 18.79 4.73 17.12
CA LYS A 188 17.35 4.61 16.92
C LYS A 188 16.69 5.91 17.36
N ARG A 189 17.38 6.66 18.22
CA ARG A 189 16.86 7.92 18.71
C ARG A 189 17.27 9.11 17.83
N GLU A 190 18.44 9.03 17.20
CA GLU A 190 18.87 10.10 16.31
C GLU A 190 17.94 10.01 15.09
N ILE A 191 17.49 8.79 14.82
CA ILE A 191 16.59 8.52 13.72
C ILE A 191 15.18 9.00 14.06
N GLU A 192 14.67 8.60 15.22
CA GLU A 192 13.34 9.02 15.64
C GLU A 192 13.32 10.54 15.80
N GLU A 193 14.50 11.13 15.99
CA GLU A 193 14.60 12.58 16.15
C GLU A 193 14.42 13.25 14.80
N LYS A 194 15.15 12.75 13.81
CA LYS A 194 15.07 13.28 12.46
C LYS A 194 13.69 12.99 11.86
N LEU A 195 13.19 11.78 12.08
CA LEU A 195 11.87 11.41 11.58
C LEU A 195 10.77 12.19 12.28
N HIS A 196 10.97 12.48 13.57
CA HIS A 196 9.98 13.25 14.31
C HIS A 196 9.88 14.60 13.61
N LYS A 197 11.03 15.20 13.34
CA LYS A 197 11.05 16.50 12.68
C LYS A 197 10.41 16.39 11.30
N LEU A 198 10.83 15.40 10.52
CA LEU A 198 10.31 15.20 9.17
C LEU A 198 8.80 14.94 9.15
N PHE A 199 8.35 13.98 9.94
CA PHE A 199 6.94 13.62 10.00
C PHE A 199 6.03 14.65 10.66
N SER A 200 6.41 15.92 10.59
CA SER A 200 5.59 16.98 11.20
C SER A 200 5.71 18.30 10.46
N GLN A 201 6.46 18.32 9.37
CA GLN A 201 6.67 19.57 8.65
C GLN A 201 5.98 19.77 7.29
N ASP A 202 5.85 18.72 6.50
CA ASP A 202 5.25 18.88 5.19
C ASP A 202 4.64 17.56 4.70
N HIS A 203 3.46 17.21 5.23
CA HIS A 203 2.81 15.94 4.84
C HIS A 203 1.44 16.07 4.19
N LEU A 204 1.17 15.17 3.25
CA LEU A 204 -0.09 15.15 2.50
C LEU A 204 -0.59 13.72 2.36
N VAL A 205 -1.88 13.50 2.62
CA VAL A 205 -2.44 12.16 2.44
C VAL A 205 -2.63 12.04 0.94
N ILE A 206 -2.06 11.01 0.35
CA ILE A 206 -2.15 10.82 -1.09
C ILE A 206 -3.32 9.92 -1.48
N TYR A 207 -3.52 8.87 -0.71
CA TYR A 207 -4.57 7.92 -1.00
C TYR A 207 -4.96 7.14 0.25
N LYS A 208 -6.26 6.85 0.39
CA LYS A 208 -6.72 6.06 1.54
C LYS A 208 -7.81 5.14 1.02
N GLY A 209 -7.79 3.87 1.43
CA GLY A 209 -8.84 2.97 1.01
C GLY A 209 -8.41 1.70 0.30
N TYR A 210 -9.39 1.10 -0.35
CA TYR A 210 -9.21 -0.14 -1.08
C TYR A 210 -8.06 -0.14 -2.06
N VAL A 211 -7.34 -1.26 -2.10
N VAL A 211 -7.32 -1.26 -2.09
CA VAL A 211 -6.25 -1.45 -3.04
CA VAL A 211 -6.26 -1.41 -3.07
C VAL A 211 -6.49 -2.79 -3.73
C VAL A 211 -6.51 -2.78 -3.74
N ASP A 212 -6.51 -2.79 -5.06
CA ASP A 212 -6.72 -4.01 -5.83
C ASP A 212 -5.47 -4.84 -5.60
N ASP A 213 -5.64 -5.92 -4.85
CA ASP A 213 -4.51 -6.78 -4.46
C ASP A 213 -4.89 -8.24 -4.73
N PRO A 214 -3.94 -9.07 -5.20
CA PRO A 214 -4.29 -10.47 -5.46
C PRO A 214 -4.69 -11.29 -4.23
N ARG A 215 -4.48 -10.73 -3.04
CA ARG A 215 -4.84 -11.43 -1.82
C ARG A 215 -6.30 -11.18 -1.46
N ASN A 216 -6.94 -10.22 -2.15
CA ASN A 216 -8.34 -9.90 -1.81
C ASN A 216 -9.32 -11.02 -2.10
N THR A 217 -10.37 -11.08 -1.28
CA THR A 217 -11.44 -12.08 -1.44
C THR A 217 -12.78 -11.33 -1.35
N ASP A 218 -13.87 -12.08 -1.38
CA ASP A 218 -15.19 -11.47 -1.25
C ASP A 218 -15.40 -10.94 0.16
N ASN A 219 -14.63 -11.47 1.13
CA ASN A 219 -14.83 -11.13 2.52
C ASN A 219 -13.71 -10.42 3.27
N ALA A 220 -12.59 -10.23 2.60
CA ALA A 220 -11.42 -9.59 3.24
C ALA A 220 -10.59 -8.96 2.13
N TRP A 221 -10.02 -7.80 2.40
CA TRP A 221 -9.26 -7.10 1.36
C TRP A 221 -8.26 -6.17 1.99
N MSE A 222 -7.32 -5.73 1.16
CA MSE A 222 -6.31 -4.81 1.61
C MSE A 222 -6.76 -3.38 1.43
O MSE A 222 -7.49 -3.06 0.48
CB MSE A 222 -5.03 -4.99 0.78
CG MSE A 222 -4.38 -6.34 0.89
SE MSE A 222 -3.66 -6.53 2.68
CE MSE A 222 -2.66 -4.86 2.83
N GLU A 223 -6.33 -2.54 2.36
CA GLU A 223 -6.56 -1.10 2.27
C GLU A 223 -5.23 -0.48 2.68
N THR A 224 -4.95 0.71 2.17
CA THR A 224 -3.73 1.37 2.58
C THR A 224 -3.97 2.86 2.80
N GLU A 225 -3.02 3.49 3.43
CA GLU A 225 -3.06 4.91 3.59
C GLU A 225 -1.70 5.34 3.15
N ALA A 226 -1.63 6.00 2.03
CA ALA A 226 -0.35 6.45 1.48
C ALA A 226 -0.21 7.92 1.84
N VAL A 227 0.89 8.27 2.52
CA VAL A 227 1.06 9.64 2.98
C VAL A 227 2.45 10.11 2.59
N ASN A 228 2.52 11.32 2.07
CA ASN A 228 3.79 11.89 1.61
C ASN A 228 4.37 12.86 2.64
N TYR A 229 5.61 12.61 3.06
CA TYR A 229 6.34 13.48 3.96
C TYR A 229 7.44 14.00 3.11
N HIS A 230 7.47 15.31 2.91
CA HIS A 230 8.41 15.92 2.00
C HIS A 230 9.45 16.80 2.71
N ASP A 231 10.70 16.68 2.26
CA ASP A 231 11.81 17.47 2.81
C ASP A 231 12.13 18.53 1.76
N GLU A 232 11.54 19.71 1.89
CA GLU A 232 11.72 20.78 0.91
C GLU A 232 13.14 21.31 0.76
N THR A 233 13.84 21.47 1.86
CA THR A 233 15.20 22.00 1.82
C THR A 233 16.27 20.92 1.65
N GLY A 234 15.92 19.70 2.04
CA GLY A 234 16.86 18.60 1.96
C GLY A 234 17.66 18.45 3.24
N GLU A 235 17.50 19.39 4.17
CA GLU A 235 18.22 19.40 5.45
C GLU A 235 17.86 18.28 6.40
N ILE A 236 16.67 17.71 6.27
CA ILE A 236 16.29 16.65 7.17
C ILE A 236 16.81 15.32 6.65
N MSE A 237 16.64 15.07 5.35
CA MSE A 237 17.07 13.82 4.70
C MSE A 237 18.49 13.86 4.12
O MSE A 237 18.96 12.87 3.57
CB MSE A 237 16.11 13.45 3.56
CG MSE A 237 14.71 13.01 3.97
SE MSE A 237 14.69 11.50 5.21
CE MSE A 237 15.52 10.15 4.11
N ASP A 238 19.16 15.01 4.21
CA ASP A 238 20.51 15.14 3.66
C ASP A 238 21.52 14.22 4.35
N ASN A 239 21.53 14.23 5.67
CA ASN A 239 22.47 13.42 6.44
C ASN A 239 21.84 12.17 7.05
N LEU A 240 20.90 11.57 6.34
CA LEU A 240 20.25 10.35 6.83
C LEU A 240 20.51 9.24 5.81
N MSE A 241 21.43 8.34 6.14
CA MSE A 241 21.77 7.24 5.24
C MSE A 241 20.68 6.18 5.13
O MSE A 241 20.13 5.73 6.13
CB MSE A 241 23.06 6.56 5.70
CG MSE A 241 23.49 5.40 4.81
SE MSE A 241 25.06 4.48 5.52
CE MSE A 241 26.41 5.59 4.67
N LEU A 242 20.38 5.77 3.90
CA LEU A 242 19.38 4.74 3.67
C LEU A 242 20.08 3.40 3.88
N GLU A 243 19.37 2.45 4.44
CA GLU A 243 19.92 1.12 4.67
C GLU A 243 18.71 0.18 4.69
N ALA A 244 18.71 -0.79 3.78
CA ALA A 244 17.59 -1.71 3.67
C ALA A 244 17.36 -2.57 4.90
N GLY A 245 16.09 -2.71 5.28
CA GLY A 245 15.74 -3.52 6.43
C GLY A 245 15.90 -4.98 6.01
N ASP A 246 15.84 -5.89 6.98
CA ASP A 246 16.02 -7.30 6.71
C ASP A 246 15.15 -7.86 5.59
N ASP A 247 13.95 -7.31 5.41
CA ASP A 247 13.07 -7.82 4.37
C ASP A 247 12.92 -6.96 3.12
N ALA A 248 13.86 -6.04 2.96
CA ALA A 248 13.89 -5.18 1.79
C ALA A 248 15.19 -5.56 1.09
N GLY A 249 15.10 -5.95 -0.18
CA GLY A 249 16.30 -6.31 -0.91
C GLY A 249 17.26 -5.13 -0.95
N LYS A 250 16.87 -4.08 -1.65
CA LYS A 250 17.68 -2.88 -1.76
C LYS A 250 16.80 -1.69 -1.39
N VAL A 251 17.42 -0.53 -1.23
CA VAL A 251 16.72 0.71 -0.91
C VAL A 251 17.50 1.81 -1.62
N LYS A 252 16.82 2.79 -2.18
CA LYS A 252 17.53 3.86 -2.85
C LYS A 252 16.60 5.00 -3.16
N TRP A 253 17.22 6.14 -3.47
CA TRP A 253 16.45 7.28 -3.86
C TRP A 253 16.16 7.15 -5.34
N VAL A 254 14.86 7.16 -5.68
N VAL A 254 14.87 7.15 -5.71
CA VAL A 254 14.44 6.93 -7.06
CA VAL A 254 14.52 6.92 -7.10
C VAL A 254 13.91 8.22 -7.67
C VAL A 254 13.93 8.20 -7.67
N ASP A 255 14.42 8.58 -8.85
CA ASP A 255 13.96 9.78 -9.54
C ASP A 255 12.56 9.53 -10.06
N ILE A 256 11.68 10.49 -9.81
CA ILE A 256 10.30 10.35 -10.23
C ILE A 256 10.04 10.87 -11.63
N ASN A 257 9.27 10.10 -12.40
CA ASN A 257 8.86 10.50 -13.74
C ASN A 257 7.86 9.46 -14.24
N ASP A 258 7.18 9.76 -15.34
CA ASP A 258 6.15 8.86 -15.85
C ASP A 258 6.61 7.55 -16.45
N LYS A 259 7.92 7.33 -16.51
CA LYS A 259 8.43 6.07 -17.05
C LYS A 259 8.68 5.06 -15.92
N LEU A 260 8.59 5.54 -14.67
CA LEU A 260 8.85 4.70 -13.52
C LEU A 260 7.88 3.53 -13.36
N LYS A 261 8.44 2.33 -13.25
CA LYS A 261 7.66 1.10 -13.09
C LYS A 261 7.70 0.68 -11.63
N LEU A 262 6.54 0.66 -10.98
CA LEU A 262 6.49 0.30 -9.57
C LEU A 262 5.49 -0.79 -9.22
N TYR A 263 5.68 -1.35 -8.04
CA TYR A 263 4.84 -2.41 -7.49
C TYR A 263 3.40 -1.94 -7.24
N ALA A 264 2.44 -2.84 -7.45
CA ALA A 264 1.03 -2.54 -7.23
C ALA A 264 0.54 -1.26 -7.89
N SER A 265 -0.09 -0.41 -7.11
CA SER A 265 -0.63 0.85 -7.58
C SER A 265 0.23 2.01 -7.09
N HIS A 266 1.48 1.69 -6.76
CA HIS A 266 2.38 2.72 -6.27
C HIS A 266 2.72 3.80 -7.29
N SER A 267 2.73 3.45 -8.57
CA SER A 267 3.04 4.46 -9.59
C SER A 267 1.96 5.56 -9.60
N GLN A 268 0.70 5.17 -9.36
CA GLN A 268 -0.38 6.14 -9.33
C GLN A 268 -0.21 7.09 -8.15
N PHE A 269 0.22 6.55 -7.01
CA PHE A 269 0.46 7.37 -5.80
C PHE A 269 1.57 8.38 -6.08
N ILE A 270 2.62 7.89 -6.73
CA ILE A 270 3.77 8.75 -7.06
C ILE A 270 3.37 9.85 -8.02
N LYS A 271 2.53 9.53 -9.01
CA LYS A 271 2.07 10.56 -9.93
C LYS A 271 1.36 11.67 -9.16
N LEU A 272 0.54 11.30 -8.18
CA LEU A 272 -0.19 12.29 -7.39
C LEU A 272 0.76 13.16 -6.56
N VAL A 273 1.82 12.54 -6.03
CA VAL A 273 2.78 13.31 -5.25
C VAL A 273 3.48 14.32 -6.15
N ALA A 274 3.86 13.90 -7.35
CA ALA A 274 4.53 14.80 -8.28
C ALA A 274 3.61 15.97 -8.61
N GLU A 275 2.32 15.66 -8.81
CA GLU A 275 1.34 16.69 -9.09
C GLU A 275 1.29 17.71 -7.96
N LYS A 276 1.13 17.22 -6.74
CA LYS A 276 1.02 18.10 -5.59
C LYS A 276 2.30 18.88 -5.27
N ARG A 277 3.45 18.33 -5.63
CA ARG A 277 4.71 19.00 -5.36
C ARG A 277 5.25 19.82 -6.55
N ASP A 278 4.49 19.85 -7.64
CA ASP A 278 4.86 20.59 -8.86
C ASP A 278 6.19 20.11 -9.41
N ALA A 279 6.35 18.79 -9.37
CA ALA A 279 7.56 18.14 -9.84
C ALA A 279 7.46 17.63 -11.26
N HIS A 280 8.64 17.41 -11.84
CA HIS A 280 8.76 16.87 -13.17
C HIS A 280 8.00 15.53 -13.28
N TRP A 281 7.35 15.30 -14.41
CA TRP A 281 6.63 14.06 -14.63
C TRP A 281 6.81 13.56 -16.07
N SER A 282 6.35 14.33 -17.04
CA SER A 282 6.43 13.97 -18.46
C SER A 282 7.84 13.86 -18.99
N GLU A 283 8.32 12.63 -19.16
CA GLU A 283 9.68 12.39 -19.65
C GLU A 283 9.75 12.58 -21.16
N ASP A 284 8.76 12.04 -21.87
CA ASP A 284 8.70 12.14 -23.33
C ASP A 284 7.35 12.72 -23.78
N SER A 285 7.41 13.88 -24.41
CA SER A 285 6.22 14.59 -24.88
C SER A 285 5.50 13.92 -26.05
N GLU A 286 6.25 13.14 -26.83
CA GLU A 286 5.72 12.47 -28.01
C GLU A 286 5.45 13.51 -29.08
N ALA A 287 6.24 14.59 -29.03
CA ALA A 287 6.13 15.70 -29.97
C ALA A 287 6.69 15.33 -31.33
N ASP A 288 7.56 14.32 -31.37
CA ASP A 288 8.17 13.88 -32.63
C ASP A 288 7.11 13.19 -33.48
N CYS A 289 5.92 13.03 -32.92
CA CYS A 289 4.82 12.40 -33.62
C CYS A 289 4.16 13.45 -34.52
N HIS A 290 4.68 14.67 -34.48
CA HIS A 290 4.16 15.79 -35.27
C HIS A 290 5.31 16.70 -35.73
N ALA A 291 6.46 16.55 -35.07
CA ALA A 291 7.65 17.34 -35.36
C ALA A 291 7.99 17.56 -36.84
N LEU A 292 7.49 16.67 -37.70
CA LEU A 292 7.76 16.77 -39.13
C LEU A 292 9.22 16.50 -39.43
C2 BGC B . 2.26 -3.39 1.28
C3 BGC B . 1.97 -1.96 0.80
C4 BGC B . 0.90 -2.01 -0.29
C5 BGC B . -0.36 -2.69 0.26
C6 BGC B . -1.43 -2.83 -0.79
C1 BGC B . 0.94 -4.02 1.77
O1 BGC B . 1.17 -5.34 2.15
O2 BGC B . 3.20 -3.35 2.32
O3 BGC B . 3.15 -1.37 0.30
O4 BGC B . 0.58 -0.69 -0.72
O5 BGC B . -0.03 -4.02 0.71
O6 BGC B . -1.07 -3.77 -1.78
S SO4 C . -28.90 -15.86 -12.19
O1 SO4 C . -30.10 -16.72 -12.36
O2 SO4 C . -28.52 -15.26 -13.48
O3 SO4 C . -29.24 -14.77 -11.23
O4 SO4 C . -27.78 -16.70 -11.69
S SO4 D . 1.66 -15.45 17.12
O1 SO4 D . 2.67 -15.49 18.21
O2 SO4 D . 2.20 -16.11 15.91
O3 SO4 D . 0.44 -16.15 17.57
O4 SO4 D . 1.34 -14.05 16.81
S SO4 E . -16.98 -19.58 9.22
O1 SO4 E . -16.89 -19.99 10.62
O2 SO4 E . -16.41 -20.65 8.37
O3 SO4 E . -18.40 -19.36 8.87
O4 SO4 E . -16.22 -18.34 9.01
S SO4 F . -16.03 4.28 15.64
O1 SO4 F . -16.73 5.14 14.68
O2 SO4 F . -15.30 5.12 16.61
O3 SO4 F . -17.01 3.44 16.37
O4 SO4 F . -15.08 3.42 14.93
S SO4 G . 17.77 -2.26 -10.60
O1 SO4 G . 16.38 -2.22 -11.08
O2 SO4 G . 18.67 -2.60 -11.72
O3 SO4 G . 18.14 -0.94 -10.05
O4 SO4 G . 17.90 -3.29 -9.54
S SO4 H . 0.60 9.35 -17.43
O1 SO4 H . 1.58 9.97 -18.34
O2 SO4 H . 0.92 9.72 -16.03
O3 SO4 H . -0.75 9.83 -17.75
O4 SO4 H . 0.65 7.89 -17.56
#